data_3LTL
#
_entry.id   3LTL
#
_cell.length_a   64.451
_cell.length_b   36.867
_cell.length_c   85.848
_cell.angle_alpha   90.00
_cell.angle_beta   90.06
_cell.angle_gamma   90.00
#
_symmetry.space_group_name_H-M   'P 1 21 1'
#
loop_
_entity.id
_entity.type
_entity.pdbx_description
1 polymer 'Brefeldin A-inhibited guanine nucleotide-exchange protein 1'
2 non-polymer 'CALCIUM ION'
3 non-polymer 'ACETIC ACID'
4 water water
#
_entity_poly.entity_id   1
_entity_poly.type   'polypeptide(L)'
_entity_poly.pdbx_seq_one_letter_code
;MGHHHHHHGTQFEVLKQQKEIIEQGIDLFNKKPKRGIQYLQEQGMLGTTPEDIAQFLHQEERLDSTQVGEFLGDNDKFNK
EVMYAYVDQHDFSGKDFVSALRMFLEGFRLPGEAQKIDRLMEKFAARYLECNQGQTLFASADTAYVLAYSIIMLTTDLHS
PQVKNKMTKEQYIKMNRGINDSKDLPEEYLSAIYNEIAGKKISMKETKETG
;
_entity_poly.pdbx_strand_id   A,B
#
loop_
_chem_comp.id
_chem_comp.type
_chem_comp.name
_chem_comp.formula
ACY non-polymer 'ACETIC ACID' 'C2 H4 O2'
CA non-polymer 'CALCIUM ION' 'Ca 2'
#
# COMPACT_ATOMS: atom_id res chain seq x y z
N LEU A 15 -21.16 22.44 -2.85
CA LEU A 15 -21.98 21.92 -3.94
C LEU A 15 -23.04 20.94 -3.42
N LYS A 16 -23.52 20.06 -4.29
CA LYS A 16 -24.74 19.30 -3.99
C LYS A 16 -24.59 17.77 -3.95
N GLN A 17 -23.88 17.20 -4.91
CA GLN A 17 -23.69 15.75 -4.95
C GLN A 17 -22.90 15.25 -3.72
N GLN A 18 -23.34 14.13 -3.16
CA GLN A 18 -22.72 13.54 -1.98
C GLN A 18 -21.22 13.29 -2.18
N LYS A 19 -20.85 12.96 -3.41
CA LYS A 19 -19.48 12.80 -3.79
C LYS A 19 -18.70 14.05 -3.44
N GLU A 20 -19.22 15.19 -3.86
CA GLU A 20 -18.58 16.46 -3.60
C GLU A 20 -18.59 16.76 -2.10
N ILE A 21 -19.70 16.43 -1.43
CA ILE A 21 -19.82 16.71 0.01
C ILE A 21 -18.75 15.98 0.84
N ILE A 22 -18.56 14.69 0.54
CA ILE A 22 -17.50 13.93 1.19
C ILE A 22 -16.13 14.58 0.99
N GLU A 23 -15.81 14.92 -0.25
CA GLU A 23 -14.52 15.55 -0.54
C GLU A 23 -14.38 16.90 0.18
N GLN A 24 -15.49 17.63 0.34
CA GLN A 24 -15.47 18.90 1.07
C GLN A 24 -15.25 18.67 2.56
N GLY A 25 -15.88 17.63 3.11
CA GLY A 25 -15.65 17.23 4.49
C GLY A 25 -14.20 16.86 4.71
N ILE A 26 -13.66 16.04 3.81
CA ILE A 26 -12.26 15.67 3.87
C ILE A 26 -11.36 16.91 3.88
N ASP A 27 -11.64 17.88 3.01
CA ASP A 27 -10.86 19.12 2.95
C ASP A 27 -10.91 19.90 4.27
N LEU A 28 -12.10 19.96 4.84
CA LEU A 28 -12.36 20.65 6.07
C LEU A 28 -11.66 19.94 7.23
N PHE A 29 -11.70 18.61 7.23
CA PHE A 29 -11.00 17.80 8.23
C PHE A 29 -9.52 18.15 8.20
N ASN A 30 -8.97 18.27 7.01
CA ASN A 30 -7.55 18.60 6.90
C ASN A 30 -7.17 19.98 7.47
N LYS A 31 -8.14 20.89 7.59
CA LYS A 31 -7.89 22.18 8.26
C LYS A 31 -8.15 22.05 9.76
N LYS A 32 -9.22 21.35 10.10
CA LYS A 32 -9.60 21.13 11.49
C LYS A 32 -10.46 19.88 11.58
N PRO A 33 -9.88 18.75 12.07
CA PRO A 33 -10.58 17.47 12.07
C PRO A 33 -12.02 17.49 12.57
N LYS A 34 -12.26 18.01 13.76
CA LYS A 34 -13.61 17.98 14.30
C LYS A 34 -14.59 18.75 13.42
N ARG A 35 -14.08 19.71 12.67
CA ARG A 35 -14.94 20.53 11.81
C ARG A 35 -15.36 19.70 10.61
N GLY A 36 -14.44 18.88 10.11
CA GLY A 36 -14.71 17.99 9.00
C GLY A 36 -15.70 16.91 9.36
N ILE A 37 -15.52 16.32 10.54
CA ILE A 37 -16.41 15.28 11.05
C ILE A 37 -17.83 15.80 11.23
N GLN A 38 -17.96 16.93 11.91
CA GLN A 38 -19.28 17.50 12.15
C GLN A 38 -19.98 17.88 10.86
N TYR A 39 -19.24 18.46 9.93
CA TYR A 39 -19.82 18.83 8.65
C TYR A 39 -20.42 17.61 7.98
N LEU A 40 -19.65 16.51 7.96
CA LEU A 40 -20.13 15.29 7.32
C LEU A 40 -21.32 14.70 8.07
N GLN A 41 -21.30 14.80 9.39
CA GLN A 41 -22.42 14.33 10.19
C GLN A 41 -23.68 15.17 9.95
N GLU A 42 -23.53 16.50 9.94
CA GLU A 42 -24.63 17.39 9.57
C GLU A 42 -25.24 16.95 8.25
N GLN A 43 -24.39 16.55 7.30
CA GLN A 43 -24.84 16.30 5.94
C GLN A 43 -25.38 14.89 5.75
N GLY A 44 -25.37 14.10 6.81
CA GLY A 44 -25.89 12.75 6.72
C GLY A 44 -24.94 11.79 6.04
N MET A 45 -23.66 12.17 5.94
CA MET A 45 -22.68 11.34 5.24
C MET A 45 -21.82 10.50 6.18
N LEU A 46 -21.89 10.78 7.48
CA LEU A 46 -21.07 10.09 8.47
C LEU A 46 -21.86 9.85 9.76
N GLY A 47 -21.76 8.63 10.32
CA GLY A 47 -22.45 8.28 11.55
C GLY A 47 -21.93 9.00 12.79
N THR A 48 -22.48 8.67 13.96
CA THR A 48 -22.16 9.43 15.16
C THR A 48 -21.44 8.64 16.25
N THR A 49 -21.30 7.33 16.05
CA THR A 49 -20.56 6.49 17.00
C THR A 49 -19.06 6.57 16.75
N PRO A 50 -18.26 6.15 17.75
CA PRO A 50 -16.81 6.04 17.59
C PRO A 50 -16.41 5.10 16.46
N GLU A 51 -17.12 3.99 16.31
CA GLU A 51 -16.80 3.01 15.27
C GLU A 51 -17.01 3.57 13.85
N ASP A 52 -18.03 4.43 13.70
CA ASP A 52 -18.27 5.16 12.45
C ASP A 52 -17.12 6.08 12.07
N ILE A 53 -16.68 6.89 13.03
CA ILE A 53 -15.57 7.80 12.81
C ILE A 53 -14.28 7.02 12.55
N ALA A 54 -14.03 5.99 13.35
CA ALA A 54 -12.82 5.19 13.20
C ALA A 54 -12.73 4.56 11.81
N GLN A 55 -13.84 3.99 11.36
CA GLN A 55 -13.89 3.39 10.05
C GLN A 55 -13.57 4.43 8.97
N PHE A 56 -14.20 5.59 9.09
CA PHE A 56 -13.95 6.71 8.20
C PHE A 56 -12.46 7.01 8.15
N LEU A 57 -11.84 7.16 9.33
CA LEU A 57 -10.40 7.38 9.43
C LEU A 57 -9.59 6.29 8.74
N HIS A 58 -10.01 5.03 8.87
CA HIS A 58 -9.32 3.93 8.21
C HIS A 58 -9.46 3.98 6.69
N GLN A 59 -10.63 4.38 6.20
CA GLN A 59 -10.95 4.25 4.77
C GLN A 59 -10.49 5.41 3.89
N GLU A 60 -10.38 6.60 4.45
CA GLU A 60 -10.13 7.79 3.64
C GLU A 60 -8.66 8.15 3.62
N GLU A 61 -7.96 7.65 2.61
CA GLU A 61 -6.53 7.80 2.47
C GLU A 61 -6.11 9.25 2.30
N ARG A 62 -7.04 10.08 1.83
CA ARG A 62 -6.69 11.48 1.59
C ARG A 62 -6.80 12.38 2.85
N LEU A 63 -7.25 11.83 3.98
CA LEU A 63 -7.16 12.57 5.22
C LEU A 63 -5.67 12.85 5.48
N ASP A 64 -5.35 14.07 5.89
CA ASP A 64 -3.96 14.42 6.15
C ASP A 64 -3.39 13.59 7.32
N SER A 65 -2.24 12.97 7.07
CA SER A 65 -1.56 12.09 8.02
C SER A 65 -1.34 12.71 9.40
N THR A 66 -0.96 13.98 9.41
CA THR A 66 -0.61 14.65 10.63
C THR A 66 -1.88 14.94 11.42
N GLN A 67 -2.93 15.40 10.73
CA GLN A 67 -4.21 15.65 11.40
C GLN A 67 -4.83 14.36 11.99
N VAL A 68 -4.64 13.23 11.34
CA VAL A 68 -5.19 11.99 11.88
C VAL A 68 -4.45 11.61 13.16
N GLY A 69 -3.13 11.76 13.16
CA GLY A 69 -2.35 11.56 14.36
C GLY A 69 -2.76 12.47 15.52
N GLU A 70 -2.96 13.76 15.26
CA GLU A 70 -3.31 14.68 16.32
C GLU A 70 -4.70 14.37 16.89
N PHE A 71 -5.62 13.99 16.01
CA PHE A 71 -6.97 13.65 16.41
C PHE A 71 -7.02 12.35 17.24
N LEU A 72 -6.36 11.31 16.77
CA LEU A 72 -6.32 10.01 17.47
C LEU A 72 -5.63 10.11 18.83
N GLY A 73 -4.65 11.01 18.96
CA GLY A 73 -3.88 11.17 20.19
C GLY A 73 -4.45 12.16 21.18
N ASP A 74 -5.55 12.80 20.83
CA ASP A 74 -6.11 13.87 21.67
C ASP A 74 -6.75 13.30 22.92
N ASN A 75 -6.69 14.04 24.03
CA ASN A 75 -7.15 13.52 25.31
C ASN A 75 -8.66 13.60 25.55
N ASP A 76 -9.38 14.37 24.75
CA ASP A 76 -10.82 14.44 24.92
C ASP A 76 -11.48 13.04 24.93
N LYS A 77 -12.52 12.91 25.75
CA LYS A 77 -13.24 11.65 25.91
C LYS A 77 -13.69 11.03 24.60
N PHE A 78 -14.28 11.83 23.72
CA PHE A 78 -14.82 11.31 22.47
C PHE A 78 -13.71 10.88 21.53
N ASN A 79 -12.64 11.67 21.45
CA ASN A 79 -11.47 11.30 20.65
C ASN A 79 -10.87 9.97 21.09
N LYS A 80 -10.78 9.77 22.40
CA LYS A 80 -10.20 8.55 22.89
C LYS A 80 -11.05 7.34 22.52
N GLU A 81 -12.36 7.49 22.57
CA GLU A 81 -13.24 6.39 22.19
C GLU A 81 -13.08 6.06 20.71
N VAL A 82 -12.93 7.11 19.89
CA VAL A 82 -12.67 6.91 18.47
C VAL A 82 -11.35 6.17 18.29
N MET A 83 -10.33 6.56 19.06
CA MET A 83 -9.02 5.97 18.96
C MET A 83 -9.03 4.51 19.35
N TYR A 84 -9.75 4.18 20.42
CA TYR A 84 -9.89 2.77 20.82
C TYR A 84 -10.51 1.95 19.72
N ALA A 85 -11.59 2.45 19.13
CA ALA A 85 -12.26 1.71 18.06
C ALA A 85 -11.35 1.60 16.84
N TYR A 86 -10.54 2.61 16.62
CA TYR A 86 -9.62 2.63 15.49
C TYR A 86 -8.58 1.53 15.65
N VAL A 87 -8.01 1.40 16.84
CA VAL A 87 -7.05 0.35 17.10
C VAL A 87 -7.73 -1.01 17.08
N ASP A 88 -8.96 -1.09 17.60
CA ASP A 88 -9.65 -2.40 17.66
C ASP A 88 -9.97 -2.96 16.28
N GLN A 89 -10.02 -2.09 15.28
CA GLN A 89 -10.31 -2.53 13.92
C GLN A 89 -9.04 -3.03 13.21
N HIS A 90 -7.90 -3.01 13.90
CA HIS A 90 -6.69 -3.70 13.44
C HIS A 90 -6.63 -5.15 13.94
N ASP A 91 -6.05 -6.03 13.14
CA ASP A 91 -5.76 -7.39 13.55
C ASP A 91 -4.26 -7.57 13.69
N PHE A 92 -3.77 -7.78 14.91
CA PHE A 92 -2.33 -7.79 15.13
C PHE A 92 -1.72 -9.20 15.33
N SER A 93 -2.46 -10.23 14.93
CA SER A 93 -1.99 -11.63 15.00
C SER A 93 -0.67 -11.91 14.26
N GLY A 94 -0.05 -13.05 14.55
CA GLY A 94 1.20 -13.43 13.92
C GLY A 94 2.45 -13.48 14.81
N LYS A 95 2.33 -13.07 16.08
CA LYS A 95 3.47 -13.11 16.98
C LYS A 95 4.63 -12.33 16.41
N ASP A 96 4.33 -11.21 15.77
N ASP A 96 4.27 -11.14 15.94
CA ASP A 96 5.40 -10.40 15.20
CA ASP A 96 5.09 -10.30 15.11
C ASP A 96 5.14 -8.95 15.60
C ASP A 96 5.01 -8.87 15.64
N PHE A 97 5.77 -8.56 16.69
CA PHE A 97 5.60 -7.27 17.34
C PHE A 97 5.91 -6.07 16.46
N VAL A 98 7.12 -6.03 15.90
CA VAL A 98 7.49 -4.90 15.05
C VAL A 98 6.59 -4.78 13.82
N SER A 99 6.27 -5.89 13.19
CA SER A 99 5.40 -5.80 12.02
C SER A 99 4.04 -5.23 12.43
N ALA A 100 3.51 -5.67 13.58
CA ALA A 100 2.26 -5.12 14.09
C ALA A 100 2.37 -3.61 14.24
N LEU A 101 3.42 -3.16 14.93
CA LEU A 101 3.65 -1.73 15.12
C LEU A 101 3.77 -0.97 13.80
N ARG A 102 4.45 -1.58 12.81
CA ARG A 102 4.59 -0.97 11.47
C ARG A 102 3.23 -0.80 10.78
N MET A 103 2.39 -1.82 10.89
CA MET A 103 1.04 -1.75 10.34
C MET A 103 0.26 -0.59 10.99
N PHE A 104 0.33 -0.50 12.30
CA PHE A 104 -0.35 0.56 13.03
C PHE A 104 0.09 1.94 12.54
N LEU A 105 1.39 2.15 12.40
CA LEU A 105 1.93 3.47 12.13
C LEU A 105 2.04 3.80 10.63
N GLU A 106 1.63 2.86 9.79
CA GLU A 106 1.48 3.13 8.36
C GLU A 106 0.35 4.12 8.10
N GLY A 107 -0.64 4.13 8.99
CA GLY A 107 -1.88 4.82 8.71
C GLY A 107 -1.84 6.33 8.89
N PHE A 108 -0.98 6.79 9.77
CA PHE A 108 -0.95 8.21 10.12
C PHE A 108 0.42 8.57 10.62
N ARG A 109 0.61 9.83 10.95
CA ARG A 109 1.89 10.29 11.48
C ARG A 109 1.76 10.50 12.98
N LEU A 110 2.69 9.91 13.74
CA LEU A 110 2.62 10.03 15.19
C LEU A 110 2.68 11.49 15.57
N PRO A 111 1.80 11.93 16.47
CA PRO A 111 1.86 13.29 17.00
C PRO A 111 3.18 13.51 17.75
N GLY A 112 3.58 14.77 17.93
CA GLY A 112 4.81 15.07 18.63
C GLY A 112 4.69 14.99 20.14
N GLU A 113 3.59 15.50 20.67
CA GLU A 113 3.40 15.56 22.11
C GLU A 113 3.49 14.16 22.74
N ALA A 114 4.41 14.01 23.70
CA ALA A 114 4.69 12.75 24.35
C ALA A 114 3.45 12.12 24.98
N GLN A 115 2.61 12.97 25.60
CA GLN A 115 1.36 12.49 26.18
C GLN A 115 0.50 11.77 25.13
N LYS A 116 0.50 12.27 23.89
CA LYS A 116 -0.24 11.63 22.82
C LYS A 116 0.39 10.31 22.38
N ILE A 117 1.69 10.31 22.13
CA ILE A 117 2.35 9.07 21.79
C ILE A 117 2.05 8.03 22.87
N ASP A 118 1.95 8.49 24.11
CA ASP A 118 1.82 7.57 25.24
C ASP A 118 0.46 6.88 25.22
N ARG A 119 -0.61 7.61 24.94
CA ARG A 119 -1.93 6.98 24.87
C ARG A 119 -1.98 6.01 23.70
N LEU A 120 -1.39 6.42 22.57
CA LEU A 120 -1.39 5.58 21.38
C LEU A 120 -0.62 4.28 21.63
N MET A 121 0.52 4.37 22.28
CA MET A 121 1.34 3.19 22.55
C MET A 121 0.70 2.28 23.58
N GLU A 122 0.02 2.86 24.56
CA GLU A 122 -0.64 2.03 25.57
C GLU A 122 -1.74 1.16 24.94
N LYS A 123 -2.56 1.76 24.09
CA LYS A 123 -3.66 1.04 23.45
C LYS A 123 -3.14 0.06 22.39
N PHE A 124 -2.10 0.46 21.66
CA PHE A 124 -1.45 -0.47 20.75
C PHE A 124 -1.00 -1.74 21.46
N ALA A 125 -0.33 -1.56 22.60
CA ALA A 125 0.15 -2.68 23.39
C ALA A 125 -0.98 -3.56 23.92
N ALA A 126 -2.07 -2.95 24.40
CA ALA A 126 -3.17 -3.74 24.90
C ALA A 126 -3.78 -4.55 23.76
N ARG A 127 -3.91 -3.92 22.60
CA ARG A 127 -4.52 -4.62 21.46
C ARG A 127 -3.61 -5.72 20.92
N TYR A 128 -2.31 -5.44 20.88
CA TYR A 128 -1.39 -6.47 20.46
C TYR A 128 -1.51 -7.77 21.29
N LEU A 129 -1.55 -7.65 22.62
CA LEU A 129 -1.61 -8.84 23.48
C LEU A 129 -2.94 -9.60 23.38
N GLU A 130 -4.00 -8.84 23.24
CA GLU A 130 -5.33 -9.35 23.01
C GLU A 130 -5.40 -10.17 21.71
N CYS A 131 -4.62 -9.79 20.70
CA CYS A 131 -4.56 -10.56 19.47
C CYS A 131 -3.54 -11.70 19.50
N ASN A 132 -2.76 -11.79 20.56
CA ASN A 132 -1.72 -12.81 20.67
C ASN A 132 -1.75 -13.51 22.04
N GLN A 133 -2.86 -14.13 22.40
CA GLN A 133 -3.03 -14.55 23.78
C GLN A 133 -2.27 -15.80 24.23
N GLY A 134 -1.87 -16.62 23.28
CA GLY A 134 -1.05 -17.77 23.62
C GLY A 134 0.38 -17.31 23.68
N GLN A 135 0.60 -16.06 23.25
CA GLN A 135 1.93 -15.48 23.11
C GLN A 135 2.76 -15.66 24.35
N THR A 136 4.06 -15.56 24.17
CA THR A 136 4.97 -15.99 25.21
C THR A 136 5.92 -14.92 25.77
N LEU A 137 6.47 -14.03 24.93
CA LEU A 137 7.53 -13.14 25.43
C LEU A 137 7.11 -12.08 26.44
N PHE A 138 5.94 -11.49 26.22
CA PHE A 138 5.51 -10.33 26.99
C PHE A 138 4.72 -10.75 28.21
N ALA A 139 5.28 -10.52 29.39
CA ALA A 139 4.62 -10.87 30.63
C ALA A 139 3.34 -10.07 30.86
N SER A 140 3.35 -8.81 30.43
CA SER A 140 2.22 -7.91 30.62
C SER A 140 2.16 -6.86 29.52
N ALA A 141 1.02 -6.17 29.46
CA ALA A 141 0.87 -5.06 28.53
C ALA A 141 1.96 -4.02 28.72
N ASP A 142 2.39 -3.85 29.96
CA ASP A 142 3.43 -2.86 30.26
C ASP A 142 4.72 -3.22 29.51
N THR A 143 5.03 -4.52 29.44
CA THR A 143 6.22 -4.92 28.73
C THR A 143 6.11 -4.48 27.28
N ALA A 144 4.96 -4.76 26.67
CA ALA A 144 4.73 -4.42 25.27
C ALA A 144 4.73 -2.90 25.07
N TYR A 145 4.13 -2.18 26.01
CA TYR A 145 4.03 -0.74 25.93
C TYR A 145 5.42 -0.10 25.99
N VAL A 146 6.25 -0.57 26.91
CA VAL A 146 7.63 -0.06 27.02
C VAL A 146 8.44 -0.38 25.77
N LEU A 147 8.33 -1.61 25.27
CA LEU A 147 9.03 -1.97 24.04
C LEU A 147 8.61 -1.08 22.89
N ALA A 148 7.30 -0.98 22.67
CA ALA A 148 6.79 -0.13 21.58
C ALA A 148 7.32 1.29 21.71
N TYR A 149 7.24 1.87 22.90
CA TYR A 149 7.77 3.21 23.12
C TYR A 149 9.27 3.25 22.81
N SER A 150 10.03 2.28 23.32
CA SER A 150 11.46 2.26 23.02
C SER A 150 11.70 2.23 21.51
N ILE A 151 10.88 1.48 20.78
CA ILE A 151 11.03 1.45 19.32
C ILE A 151 10.80 2.81 18.68
N ILE A 152 9.78 3.54 19.13
CA ILE A 152 9.58 4.90 18.64
C ILE A 152 10.81 5.75 18.92
N MET A 153 11.33 5.67 20.14
CA MET A 153 12.53 6.43 20.51
C MET A 153 13.75 6.02 19.70
N LEU A 154 13.90 4.73 19.46
CA LEU A 154 15.03 4.23 18.68
C LEU A 154 14.97 4.71 17.25
N THR A 155 13.79 4.63 16.64
CA THR A 155 13.70 4.97 15.23
C THR A 155 13.84 6.47 15.07
N THR A 156 13.50 7.22 16.11
CA THR A 156 13.70 8.66 16.12
C THR A 156 15.17 9.00 16.32
N ASP A 157 15.82 8.28 17.23
CA ASP A 157 17.24 8.50 17.48
C ASP A 157 18.10 8.09 16.29
N LEU A 158 17.89 6.88 15.78
CA LEU A 158 18.72 6.37 14.68
C LEU A 158 18.55 7.10 13.37
N HIS A 159 17.34 7.58 13.13
CA HIS A 159 17.00 8.11 11.82
C HIS A 159 16.61 9.60 11.86
N SER A 160 17.19 10.35 12.79
CA SER A 160 17.06 11.80 12.76
C SER A 160 18.44 12.44 12.84
N PRO A 161 18.84 13.16 11.78
CA PRO A 161 20.20 13.70 11.64
C PRO A 161 20.54 14.76 12.70
N GLN A 162 19.59 15.07 13.57
CA GLN A 162 19.82 16.05 14.62
C GLN A 162 20.43 15.38 15.85
N VAL A 163 20.32 14.06 15.90
CA VAL A 163 20.98 13.27 16.93
C VAL A 163 22.31 12.81 16.35
N LYS A 164 23.41 13.29 16.91
CA LYS A 164 24.72 13.02 16.32
C LYS A 164 25.44 11.86 17.02
N ASN A 165 25.23 11.73 18.33
CA ASN A 165 25.61 10.50 19.02
C ASN A 165 24.45 9.51 19.03
N LYS A 166 24.46 8.58 18.08
CA LYS A 166 23.37 7.62 17.92
C LYS A 166 23.27 6.68 19.11
N MET A 167 22.04 6.29 19.45
CA MET A 167 21.87 5.31 20.51
C MET A 167 22.48 3.98 20.06
N THR A 168 23.21 3.32 20.95
CA THR A 168 23.84 2.06 20.59
C THR A 168 23.03 0.87 21.10
N LYS A 169 23.35 -0.32 20.59
CA LYS A 169 22.62 -1.52 20.93
C LYS A 169 22.66 -1.76 22.43
N GLU A 170 23.78 -1.41 23.06
CA GLU A 170 23.89 -1.57 24.49
C GLU A 170 22.96 -0.56 25.17
N GLN A 171 22.92 0.64 24.63
CA GLN A 171 22.05 1.67 25.18
C GLN A 171 20.59 1.26 25.07
N TYR A 172 20.20 0.83 23.87
CA TYR A 172 18.84 0.40 23.61
C TYR A 172 18.35 -0.65 24.58
N ILE A 173 19.19 -1.65 24.83
CA ILE A 173 18.85 -2.70 25.76
C ILE A 173 18.55 -2.16 27.16
N LYS A 174 19.27 -1.13 27.58
CA LYS A 174 19.04 -0.54 28.89
C LYS A 174 17.63 0.05 29.01
N MET A 175 17.20 0.80 27.99
CA MET A 175 15.84 1.31 27.95
C MET A 175 14.80 0.26 28.33
N ASN A 176 15.10 -1.01 28.04
CA ASN A 176 14.16 -2.07 28.29
C ASN A 176 14.47 -2.91 29.54
N ARG A 177 14.92 -2.27 30.61
CA ARG A 177 15.15 -2.98 31.88
C ARG A 177 14.51 -2.29 33.10
N GLY A 178 14.35 -3.06 34.18
CA GLY A 178 13.91 -2.55 35.48
C GLY A 178 12.56 -1.84 35.52
N ILE A 179 11.79 -2.07 36.58
CA ILE A 179 12.18 -2.90 37.72
C ILE A 179 11.57 -4.30 37.60
N ASN A 180 10.97 -4.60 36.45
CA ASN A 180 10.26 -5.86 36.22
C ASN A 180 11.16 -7.11 36.34
N ASP A 181 12.30 -7.07 35.64
CA ASP A 181 13.38 -8.04 35.84
C ASP A 181 13.01 -9.52 35.72
N SER A 182 12.08 -9.83 34.83
CA SER A 182 11.63 -11.18 34.60
C SER A 182 10.41 -11.00 33.73
N LYS A 183 9.81 -9.82 33.87
CA LYS A 183 8.92 -9.29 32.87
C LYS A 183 9.81 -8.59 31.85
N ASP A 184 11.10 -8.91 31.90
CA ASP A 184 12.10 -8.28 31.02
C ASP A 184 12.57 -9.19 29.89
N LEU A 185 12.84 -8.56 28.74
CA LEU A 185 13.03 -9.26 27.47
C LEU A 185 14.47 -9.73 27.27
N PRO A 186 14.64 -10.89 26.63
CA PRO A 186 15.99 -11.44 26.39
C PRO A 186 16.78 -10.45 25.55
N GLU A 187 18.08 -10.35 25.78
CA GLU A 187 18.89 -9.34 25.08
C GLU A 187 19.03 -9.69 23.59
N GLU A 188 19.00 -10.98 23.27
CA GLU A 188 19.08 -11.42 21.89
C GLU A 188 17.86 -10.93 21.10
N TYR A 189 16.71 -10.85 21.77
CA TYR A 189 15.49 -10.38 21.14
C TYR A 189 15.58 -8.88 20.91
N LEU A 190 16.12 -8.16 21.90
CA LEU A 190 16.29 -6.73 21.73
C LEU A 190 17.33 -6.38 20.67
N SER A 191 18.38 -7.19 20.52
CA SER A 191 19.38 -6.95 19.47
C SER A 191 18.76 -7.12 18.08
N ALA A 192 18.02 -8.20 17.90
CA ALA A 192 17.34 -8.44 16.63
C ALA A 192 16.42 -7.25 16.27
N ILE A 193 15.71 -6.71 17.25
CA ILE A 193 14.80 -5.58 16.98
C ILE A 193 15.63 -4.36 16.61
N TYR A 194 16.69 -4.12 17.39
CA TYR A 194 17.65 -3.07 17.04
C TYR A 194 18.10 -3.18 15.58
N ASN A 195 18.54 -4.37 15.16
CA ASN A 195 18.99 -4.54 13.78
C ASN A 195 17.89 -4.22 12.77
N GLU A 196 16.67 -4.67 13.08
CA GLU A 196 15.51 -4.44 12.22
C GLU A 196 15.19 -2.96 12.06
N ILE A 197 15.21 -2.22 13.17
CA ILE A 197 14.91 -0.79 13.14
C ILE A 197 16.06 0.03 12.52
N ALA A 198 17.31 -0.32 12.81
CA ALA A 198 18.45 0.33 12.18
C ALA A 198 18.44 0.19 10.66
N GLY A 199 18.12 -1.00 10.17
CA GLY A 199 18.15 -1.24 8.73
C GLY A 199 16.90 -0.73 8.01
N LYS A 200 15.77 -0.67 8.73
CA LYS A 200 14.53 -0.23 8.10
C LYS A 200 13.69 0.65 9.01
N LYS A 201 13.73 1.96 8.77
CA LYS A 201 13.09 2.92 9.65
C LYS A 201 11.58 2.70 9.71
N ILE A 202 10.95 3.13 10.81
CA ILE A 202 9.50 3.18 10.85
C ILE A 202 9.05 4.27 9.89
N SER A 203 8.20 3.90 8.92
CA SER A 203 7.70 4.85 7.92
C SER A 203 6.20 4.75 7.74
N MET A 204 5.63 5.72 7.02
CA MET A 204 4.26 5.64 6.53
C MET A 204 4.20 5.04 5.13
N LYS A 205 5.11 5.48 4.27
CA LYS A 205 5.11 5.16 2.85
C LYS A 205 3.78 4.59 2.32
N GLU B 20 -17.13 23.03 -15.66
CA GLU B 20 -17.59 21.90 -16.45
C GLU B 20 -17.74 20.65 -15.60
N ILE B 21 -18.73 19.82 -15.94
CA ILE B 21 -19.04 18.63 -15.16
C ILE B 21 -18.02 17.51 -15.36
N ILE B 22 -17.54 17.35 -16.59
CA ILE B 22 -16.56 16.32 -16.86
C ILE B 22 -15.29 16.65 -16.07
N GLU B 23 -14.96 17.93 -15.97
CA GLU B 23 -13.77 18.34 -15.26
C GLU B 23 -13.89 18.13 -13.74
N GLN B 24 -15.07 18.42 -13.19
CA GLN B 24 -15.32 18.13 -11.79
C GLN B 24 -15.20 16.63 -11.55
N GLY B 25 -15.67 15.83 -12.50
CA GLY B 25 -15.62 14.39 -12.38
C GLY B 25 -14.20 13.86 -12.41
N ILE B 26 -13.36 14.47 -13.24
CA ILE B 26 -11.96 14.06 -13.35
C ILE B 26 -11.24 14.39 -12.05
N ASP B 27 -11.53 15.57 -11.51
CA ASP B 27 -10.96 16.00 -10.24
C ASP B 27 -11.36 15.10 -9.08
N LEU B 28 -12.64 14.79 -8.97
CA LEU B 28 -13.09 13.82 -7.96
C LEU B 28 -12.44 12.45 -8.16
N PHE B 29 -12.24 12.05 -9.42
CA PHE B 29 -11.58 10.78 -9.68
C PHE B 29 -10.20 10.79 -9.08
N ASN B 30 -9.48 11.88 -9.32
CA ASN B 30 -8.07 11.95 -8.93
C ASN B 30 -7.94 12.03 -7.42
N LYS B 31 -9.02 12.42 -6.74
CA LYS B 31 -9.02 12.41 -5.27
C LYS B 31 -9.41 11.04 -4.72
N LYS B 32 -10.27 10.33 -5.46
CA LYS B 32 -10.81 9.05 -5.02
C LYS B 32 -11.57 8.44 -6.19
N PRO B 33 -10.92 7.51 -6.91
CA PRO B 33 -11.45 6.94 -8.16
C PRO B 33 -12.92 6.50 -8.15
N LYS B 34 -13.34 5.67 -7.20
CA LYS B 34 -14.72 5.18 -7.19
C LYS B 34 -15.71 6.33 -7.16
N ARG B 35 -15.33 7.39 -6.45
CA ARG B 35 -16.21 8.54 -6.23
C ARG B 35 -16.36 9.35 -7.50
N GLY B 36 -15.25 9.57 -8.21
CA GLY B 36 -15.29 10.26 -9.49
C GLY B 36 -16.13 9.50 -10.51
N ILE B 37 -15.97 8.17 -10.54
CA ILE B 37 -16.73 7.36 -11.47
C ILE B 37 -18.21 7.55 -11.16
N GLN B 38 -18.52 7.38 -9.89
CA GLN B 38 -19.90 7.39 -9.43
C GLN B 38 -20.54 8.76 -9.71
N TYR B 39 -19.79 9.82 -9.47
CA TYR B 39 -20.27 11.14 -9.81
C TYR B 39 -20.56 11.31 -11.32
N LEU B 40 -19.71 10.77 -12.18
CA LEU B 40 -19.93 10.92 -13.63
C LEU B 40 -21.11 10.07 -14.12
N GLN B 41 -21.29 8.90 -13.52
CA GLN B 41 -22.47 8.10 -13.82
C GLN B 41 -23.76 8.84 -13.45
N GLU B 42 -23.85 9.26 -12.19
CA GLU B 42 -25.03 9.96 -11.73
C GLU B 42 -25.30 11.27 -12.49
N GLN B 43 -24.25 11.83 -13.10
CA GLN B 43 -24.44 12.97 -13.99
C GLN B 43 -24.90 12.57 -15.40
N GLY B 44 -24.93 11.27 -15.68
CA GLY B 44 -25.33 10.79 -16.98
C GLY B 44 -24.24 10.87 -18.03
N MET B 45 -22.99 11.05 -17.59
CA MET B 45 -21.88 11.17 -18.52
C MET B 45 -21.09 9.87 -18.69
N LEU B 46 -21.27 8.93 -17.76
CA LEU B 46 -20.52 7.70 -17.80
C LEU B 46 -21.48 6.53 -17.69
N GLY B 47 -21.35 5.58 -18.60
CA GLY B 47 -22.18 4.38 -18.59
C GLY B 47 -21.87 3.53 -17.36
N THR B 48 -22.61 2.45 -17.21
CA THR B 48 -22.60 1.66 -15.98
C THR B 48 -21.90 0.31 -16.17
N THR B 49 -21.67 -0.06 -17.43
CA THR B 49 -20.98 -1.31 -17.73
C THR B 49 -19.47 -1.21 -17.52
N PRO B 50 -18.85 -2.33 -17.12
CA PRO B 50 -17.39 -2.39 -16.95
C PRO B 50 -16.69 -1.92 -18.22
N GLU B 51 -17.26 -2.23 -19.38
CA GLU B 51 -16.68 -1.82 -20.64
C GLU B 51 -16.71 -0.31 -20.83
N ASP B 52 -17.80 0.34 -20.39
CA ASP B 52 -17.93 1.79 -20.42
C ASP B 52 -16.85 2.50 -19.59
N ILE B 53 -16.62 1.98 -18.40
CA ILE B 53 -15.63 2.55 -17.49
C ILE B 53 -14.20 2.27 -17.98
N ALA B 54 -13.98 1.07 -18.48
CA ALA B 54 -12.67 0.70 -19.01
C ALA B 54 -12.35 1.66 -20.14
N GLN B 55 -13.34 1.93 -20.98
CA GLN B 55 -13.17 2.82 -22.11
C GLN B 55 -12.77 4.23 -21.68
N PHE B 56 -13.46 4.75 -20.68
CA PHE B 56 -13.16 6.07 -20.13
C PHE B 56 -11.76 6.10 -19.51
N LEU B 57 -11.37 5.02 -18.85
CA LEU B 57 -10.01 4.94 -18.32
C LEU B 57 -8.95 5.00 -19.44
N HIS B 58 -9.26 4.40 -20.60
CA HIS B 58 -8.36 4.41 -21.75
C HIS B 58 -8.31 5.77 -22.41
N GLN B 59 -9.44 6.46 -22.45
CA GLN B 59 -9.52 7.66 -23.27
C GLN B 59 -9.31 8.99 -22.57
N GLU B 60 -9.67 9.08 -21.30
CA GLU B 60 -9.57 10.37 -20.61
C GLU B 60 -8.17 10.56 -20.04
N GLU B 61 -7.35 11.33 -20.75
CA GLU B 61 -5.91 11.45 -20.44
C GLU B 61 -5.61 12.32 -19.22
N ARG B 62 -6.57 13.13 -18.81
CA ARG B 62 -6.40 14.00 -17.65
C ARG B 62 -6.51 13.25 -16.30
N LEU B 63 -6.90 11.97 -16.33
CA LEU B 63 -6.95 11.18 -15.12
C LEU B 63 -5.52 10.94 -14.64
N ASP B 64 -5.31 10.98 -13.33
CA ASP B 64 -3.98 10.73 -12.80
C ASP B 64 -3.61 9.27 -13.07
N SER B 65 -2.50 9.06 -13.78
CA SER B 65 -2.12 7.71 -14.21
C SER B 65 -1.89 6.75 -13.03
N THR B 66 -1.54 7.30 -11.88
CA THR B 66 -1.34 6.46 -10.70
C THR B 66 -2.69 5.99 -10.12
N GLN B 67 -3.67 6.88 -10.09
CA GLN B 67 -4.99 6.51 -9.60
C GLN B 67 -5.65 5.50 -10.55
N VAL B 68 -5.34 5.59 -11.83
CA VAL B 68 -5.84 4.61 -12.79
C VAL B 68 -5.26 3.24 -12.48
N GLY B 69 -3.95 3.17 -12.25
CA GLY B 69 -3.32 1.92 -11.87
C GLY B 69 -3.90 1.36 -10.58
N GLU B 70 -4.09 2.22 -9.59
CA GLU B 70 -4.65 1.77 -8.32
C GLU B 70 -6.08 1.24 -8.47
N PHE B 71 -6.89 1.94 -9.27
CA PHE B 71 -8.25 1.51 -9.54
C PHE B 71 -8.27 0.16 -10.26
N LEU B 72 -7.47 0.03 -11.32
CA LEU B 72 -7.41 -1.21 -12.09
C LEU B 72 -6.83 -2.37 -11.26
N GLY B 73 -5.96 -2.04 -10.33
CA GLY B 73 -5.31 -3.06 -9.53
C GLY B 73 -6.08 -3.46 -8.28
N ASP B 74 -7.20 -2.78 -8.05
CA ASP B 74 -7.99 -3.00 -6.84
C ASP B 74 -8.61 -4.40 -6.84
N ASN B 75 -8.65 -5.02 -5.67
CA ASN B 75 -9.12 -6.39 -5.57
C ASN B 75 -10.65 -6.55 -5.53
N ASP B 76 -11.37 -5.44 -5.47
CA ASP B 76 -12.83 -5.47 -5.54
C ASP B 76 -13.32 -6.11 -6.85
N LYS B 77 -14.47 -6.76 -6.80
CA LYS B 77 -14.97 -7.53 -7.95
C LYS B 77 -15.35 -6.66 -9.16
N PHE B 78 -15.84 -5.46 -8.92
CA PHE B 78 -16.18 -4.58 -10.04
C PHE B 78 -14.93 -3.97 -10.67
N ASN B 79 -13.97 -3.58 -9.83
CA ASN B 79 -12.70 -3.09 -10.35
C ASN B 79 -12.06 -4.13 -11.25
N LYS B 80 -12.03 -5.37 -10.79
CA LYS B 80 -11.49 -6.47 -11.58
C LYS B 80 -12.19 -6.59 -12.93
N GLU B 81 -13.52 -6.54 -12.92
CA GLU B 81 -14.28 -6.60 -14.16
C GLU B 81 -13.94 -5.43 -15.11
N VAL B 82 -13.77 -4.23 -14.55
CA VAL B 82 -13.32 -3.10 -15.37
C VAL B 82 -11.93 -3.40 -15.93
N MET B 83 -11.08 -3.99 -15.09
CA MET B 83 -9.70 -4.26 -15.46
C MET B 83 -9.64 -5.28 -16.60
N TYR B 84 -10.50 -6.30 -16.55
CA TYR B 84 -10.53 -7.30 -17.61
C TYR B 84 -10.93 -6.66 -18.92
N ALA B 85 -11.95 -5.79 -18.88
CA ALA B 85 -12.40 -5.13 -20.09
C ALA B 85 -11.33 -4.17 -20.58
N TYR B 86 -10.66 -3.51 -19.64
CA TYR B 86 -9.60 -2.57 -19.99
C TYR B 86 -8.51 -3.25 -20.83
N VAL B 87 -8.03 -4.40 -20.36
CA VAL B 87 -7.02 -5.16 -21.07
C VAL B 87 -7.53 -5.72 -22.40
N ASP B 88 -8.74 -6.27 -22.39
CA ASP B 88 -9.36 -6.79 -23.61
C ASP B 88 -9.50 -5.72 -24.68
N GLN B 89 -9.52 -4.45 -24.27
CA GLN B 89 -9.60 -3.37 -25.23
C GLN B 89 -8.26 -3.08 -25.93
N HIS B 90 -7.21 -3.81 -25.55
CA HIS B 90 -5.96 -3.78 -26.33
C HIS B 90 -5.97 -4.85 -27.39
N ASP B 91 -5.32 -4.57 -28.51
CA ASP B 91 -5.08 -5.59 -29.53
C ASP B 91 -3.59 -5.89 -29.57
N PHE B 92 -3.18 -7.04 -29.01
CA PHE B 92 -1.76 -7.39 -28.96
C PHE B 92 -1.32 -8.29 -30.10
N SER B 93 -2.23 -8.56 -31.01
CA SER B 93 -1.92 -9.41 -32.16
C SER B 93 -0.73 -8.89 -32.94
N GLY B 94 0.16 -9.82 -33.30
CA GLY B 94 1.31 -9.50 -34.12
C GLY B 94 2.38 -8.67 -33.43
N LYS B 95 2.26 -8.54 -32.11
CA LYS B 95 3.28 -7.83 -31.33
C LYS B 95 4.11 -8.81 -30.53
N ASP B 96 5.44 -8.67 -30.60
CA ASP B 96 6.33 -9.47 -29.78
C ASP B 96 6.06 -9.14 -28.31
N PHE B 97 6.47 -10.02 -27.41
CA PHE B 97 6.03 -9.94 -26.03
C PHE B 97 6.37 -8.61 -25.35
N VAL B 98 7.63 -8.20 -25.43
CA VAL B 98 8.01 -6.96 -24.75
C VAL B 98 7.30 -5.74 -25.32
N SER B 99 7.19 -5.66 -26.64
CA SER B 99 6.52 -4.52 -27.25
C SER B 99 5.05 -4.47 -26.79
N ALA B 100 4.41 -5.63 -26.66
CA ALA B 100 3.02 -5.66 -26.21
C ALA B 100 2.90 -5.14 -24.78
N LEU B 101 3.87 -5.48 -23.94
CA LEU B 101 3.86 -5.06 -22.55
C LEU B 101 4.09 -3.56 -22.44
N ARG B 102 5.03 -3.02 -23.21
CA ARG B 102 5.26 -1.57 -23.21
C ARG B 102 3.98 -0.85 -23.57
N MET B 103 3.33 -1.31 -24.63
CA MET B 103 2.07 -0.74 -25.09
C MET B 103 1.05 -0.70 -23.94
N PHE B 104 0.97 -1.80 -23.22
CA PHE B 104 0.02 -1.89 -22.10
C PHE B 104 0.32 -0.93 -20.94
N LEU B 105 1.59 -0.82 -20.58
CA LEU B 105 1.99 -0.05 -19.40
C LEU B 105 2.15 1.42 -19.73
N GLU B 106 2.11 1.71 -21.02
CA GLU B 106 2.21 3.05 -21.52
C GLU B 106 1.06 3.94 -21.02
N GLY B 107 -0.11 3.34 -20.81
CA GLY B 107 -1.32 4.11 -20.57
C GLY B 107 -1.68 4.36 -19.13
N PHE B 108 -0.85 3.90 -18.20
CA PHE B 108 -1.09 4.12 -16.79
C PHE B 108 0.14 3.82 -15.94
N ARG B 109 0.03 4.02 -14.63
CA ARG B 109 1.14 3.79 -13.73
C ARG B 109 0.85 2.54 -12.94
N LEU B 110 1.76 1.57 -12.96
CA LEU B 110 1.55 0.35 -12.19
C LEU B 110 1.48 0.70 -10.71
N PRO B 111 0.50 0.14 -10.00
CA PRO B 111 0.48 0.31 -8.55
C PRO B 111 1.61 -0.49 -7.94
N GLY B 112 2.04 -0.13 -6.73
CA GLY B 112 3.23 -0.71 -6.13
C GLY B 112 3.02 -2.03 -5.41
N GLU B 113 1.84 -2.21 -4.83
CA GLU B 113 1.52 -3.46 -4.14
C GLU B 113 1.69 -4.67 -5.07
N ALA B 114 2.47 -5.64 -4.61
CA ALA B 114 2.80 -6.80 -5.43
C ALA B 114 1.57 -7.58 -5.89
N GLN B 115 0.57 -7.66 -5.02
CA GLN B 115 -0.66 -8.39 -5.29
C GLN B 115 -1.47 -7.77 -6.43
N LYS B 116 -1.37 -6.46 -6.56
CA LYS B 116 -2.09 -5.76 -7.60
C LYS B 116 -1.38 -5.96 -8.93
N ILE B 117 -0.06 -5.83 -8.91
CA ILE B 117 0.75 -6.07 -10.10
C ILE B 117 0.49 -7.49 -10.59
N ASP B 118 0.33 -8.39 -9.63
CA ASP B 118 0.05 -9.79 -9.89
C ASP B 118 -1.21 -9.99 -10.73
N ARG B 119 -2.30 -9.32 -10.36
CA ARG B 119 -3.54 -9.44 -11.10
C ARG B 119 -3.42 -8.89 -12.51
N LEU B 120 -2.75 -7.75 -12.62
CA LEU B 120 -2.56 -7.08 -13.91
C LEU B 120 -1.71 -7.90 -14.92
N MET B 121 -0.55 -8.37 -14.50
CA MET B 121 0.32 -9.16 -15.38
C MET B 121 -0.34 -10.48 -15.79
N GLU B 122 -1.03 -11.11 -14.85
CA GLU B 122 -1.79 -12.30 -15.11
C GLU B 122 -2.81 -12.09 -16.24
N LYS B 123 -3.56 -11.00 -16.19
CA LYS B 123 -4.52 -10.73 -17.26
C LYS B 123 -3.83 -10.30 -18.54
N PHE B 124 -2.77 -9.51 -18.44
CA PHE B 124 -2.02 -9.13 -19.63
C PHE B 124 -1.48 -10.37 -20.37
N ALA B 125 -0.81 -11.25 -19.64
CA ALA B 125 -0.27 -12.49 -20.23
C ALA B 125 -1.34 -13.30 -20.96
N ALA B 126 -2.47 -13.51 -20.29
CA ALA B 126 -3.55 -14.29 -20.89
C ALA B 126 -4.10 -13.56 -22.10
N ARG B 127 -4.23 -12.25 -22.03
CA ARG B 127 -4.70 -11.50 -23.18
C ARG B 127 -3.68 -11.61 -24.31
N TYR B 128 -2.40 -11.56 -23.97
CA TYR B 128 -1.37 -11.66 -24.99
C TYR B 128 -1.45 -12.96 -25.78
N LEU B 129 -1.67 -14.07 -25.07
CA LEU B 129 -1.79 -15.37 -25.74
C LEU B 129 -3.04 -15.50 -26.61
N GLU B 130 -4.18 -15.00 -26.13
CA GLU B 130 -5.40 -14.99 -26.93
C GLU B 130 -5.15 -14.35 -28.29
N CYS B 131 -4.40 -13.25 -28.29
CA CYS B 131 -4.19 -12.46 -29.51
C CYS B 131 -3.11 -13.08 -30.39
N ASN B 132 -2.45 -14.12 -29.90
CA ASN B 132 -1.36 -14.73 -30.65
C ASN B 132 -1.44 -16.26 -30.73
N GLN B 133 -2.48 -16.76 -31.39
CA GLN B 133 -2.71 -18.20 -31.52
C GLN B 133 -1.61 -18.94 -32.29
N GLY B 134 -0.82 -18.21 -33.07
CA GLY B 134 0.26 -18.81 -33.84
C GLY B 134 1.50 -19.12 -33.02
N GLN B 135 1.65 -18.40 -31.92
CA GLN B 135 2.77 -18.50 -31.00
C GLN B 135 3.14 -19.94 -30.65
N THR B 136 4.44 -20.23 -30.60
CA THR B 136 4.92 -21.58 -30.33
C THR B 136 5.87 -21.68 -29.14
N LEU B 137 6.26 -20.52 -28.60
CA LEU B 137 7.33 -20.45 -27.58
C LEU B 137 6.89 -20.65 -26.12
N PHE B 138 5.78 -20.03 -25.75
CA PHE B 138 5.21 -20.21 -24.41
C PHE B 138 4.46 -21.53 -24.30
N ALA B 139 4.95 -22.42 -23.45
CA ALA B 139 4.36 -23.75 -23.29
C ALA B 139 3.05 -23.67 -22.52
N SER B 140 2.88 -22.61 -21.74
CA SER B 140 1.66 -22.43 -20.97
C SER B 140 1.48 -20.99 -20.58
N ALA B 141 0.27 -20.64 -20.14
CA ALA B 141 -0.04 -19.28 -19.74
C ALA B 141 0.67 -18.89 -18.45
N ASP B 142 1.15 -19.88 -17.70
CA ASP B 142 1.98 -19.62 -16.54
C ASP B 142 3.32 -19.08 -16.98
N THR B 143 3.84 -19.62 -18.08
CA THR B 143 5.13 -19.17 -18.56
C THR B 143 5.08 -17.68 -18.86
N ALA B 144 4.07 -17.28 -19.62
CA ALA B 144 3.87 -15.88 -20.00
C ALA B 144 3.60 -14.98 -18.81
N TYR B 145 2.74 -15.46 -17.91
CA TYR B 145 2.50 -14.72 -16.67
C TYR B 145 3.80 -14.47 -15.88
N VAL B 146 4.59 -15.52 -15.68
CA VAL B 146 5.86 -15.37 -14.97
C VAL B 146 6.84 -14.44 -15.71
N LEU B 147 6.89 -14.56 -17.04
CA LEU B 147 7.76 -13.68 -17.84
C LEU B 147 7.38 -12.21 -17.65
N ALA B 148 6.10 -11.91 -17.80
CA ALA B 148 5.56 -10.55 -17.63
C ALA B 148 5.91 -10.00 -16.27
N TYR B 149 5.68 -10.81 -15.24
CA TYR B 149 5.93 -10.38 -13.88
C TYR B 149 7.42 -10.15 -13.68
N SER B 150 8.24 -11.06 -14.20
CA SER B 150 9.70 -10.95 -14.07
C SER B 150 10.17 -9.69 -14.75
N ILE B 151 9.48 -9.31 -15.83
CA ILE B 151 9.89 -8.13 -16.58
C ILE B 151 9.66 -6.87 -15.75
N ILE B 152 8.51 -6.81 -15.07
CA ILE B 152 8.26 -5.74 -14.11
C ILE B 152 9.34 -5.74 -13.04
N MET B 153 9.60 -6.92 -12.45
CA MET B 153 10.62 -7.00 -11.39
C MET B 153 11.98 -6.62 -11.95
N LEU B 154 12.31 -7.07 -13.16
CA LEU B 154 13.60 -6.75 -13.77
C LEU B 154 13.74 -5.26 -14.00
N THR B 155 12.72 -4.64 -14.59
CA THR B 155 12.82 -3.24 -14.98
C THR B 155 12.93 -2.33 -13.76
N THR B 156 12.12 -2.57 -12.75
CA THR B 156 12.22 -1.79 -11.53
C THR B 156 13.58 -2.04 -10.86
N ASP B 157 13.98 -3.30 -10.78
CA ASP B 157 15.28 -3.66 -10.21
C ASP B 157 16.47 -2.96 -10.86
N LEU B 158 16.50 -2.93 -12.20
CA LEU B 158 17.66 -2.42 -12.94
C LEU B 158 17.65 -0.90 -12.99
N HIS B 159 16.48 -0.31 -12.91
CA HIS B 159 16.31 1.11 -13.18
C HIS B 159 15.87 1.91 -11.95
N SER B 160 15.84 1.23 -10.79
CA SER B 160 15.69 1.89 -9.50
C SER B 160 17.06 2.01 -8.92
N PRO B 161 17.55 3.25 -8.77
CA PRO B 161 18.87 3.55 -8.20
C PRO B 161 19.07 3.00 -6.79
N GLN B 162 18.01 2.94 -5.98
CA GLN B 162 18.13 2.51 -4.57
C GLN B 162 18.31 1.00 -4.40
N VAL B 163 18.32 0.27 -5.52
CA VAL B 163 18.70 -1.14 -5.50
C VAL B 163 20.16 -1.24 -5.89
N LYS B 164 21.03 -1.47 -4.92
CA LYS B 164 22.47 -1.36 -5.13
C LYS B 164 23.12 -2.59 -5.80
N ASN B 165 22.69 -3.78 -5.39
CA ASN B 165 23.17 -5.00 -6.03
C ASN B 165 22.24 -5.41 -7.16
N LYS B 166 22.61 -5.05 -8.39
CA LYS B 166 21.74 -5.30 -9.54
C LYS B 166 21.53 -6.77 -9.84
N MET B 167 20.29 -7.13 -10.12
CA MET B 167 19.94 -8.46 -10.56
C MET B 167 20.77 -8.83 -11.79
N THR B 168 21.45 -9.98 -11.72
CA THR B 168 22.22 -10.48 -12.84
C THR B 168 21.34 -11.25 -13.82
N LYS B 169 21.82 -11.37 -15.05
CA LYS B 169 21.18 -12.16 -16.08
C LYS B 169 20.88 -13.56 -15.56
N GLU B 170 21.82 -14.10 -14.80
CA GLU B 170 21.65 -15.43 -14.25
C GLU B 170 20.45 -15.50 -13.29
N GLN B 171 20.27 -14.46 -12.50
CA GLN B 171 19.11 -14.37 -11.61
C GLN B 171 17.80 -14.15 -12.36
N TYR B 172 17.82 -13.31 -13.39
CA TYR B 172 16.60 -13.06 -14.14
C TYR B 172 16.15 -14.38 -14.74
N ILE B 173 17.11 -15.18 -15.17
CA ILE B 173 16.79 -16.48 -15.73
C ILE B 173 16.15 -17.39 -14.69
N LYS B 174 16.70 -17.43 -13.48
CA LYS B 174 16.14 -18.28 -12.44
C LYS B 174 14.77 -17.79 -12.01
N MET B 175 14.56 -16.49 -12.12
CA MET B 175 13.24 -15.93 -11.91
C MET B 175 12.25 -16.56 -12.87
N ASN B 176 12.72 -17.04 -14.00
CA ASN B 176 11.86 -17.73 -14.95
C ASN B 176 12.09 -19.24 -14.95
N ARG B 177 12.52 -19.74 -13.81
CA ARG B 177 12.69 -21.16 -13.56
C ARG B 177 11.84 -21.62 -12.36
N GLY B 178 11.71 -22.92 -12.21
CA GLY B 178 10.99 -23.50 -11.08
C GLY B 178 9.50 -23.35 -11.20
N ILE B 179 9.02 -23.23 -12.44
CA ILE B 179 7.59 -23.17 -12.72
C ILE B 179 7.09 -24.57 -13.05
N ASN B 180 8.01 -25.55 -13.03
CA ASN B 180 7.87 -26.91 -13.58
C ASN B 180 8.62 -27.01 -14.93
N ASP B 181 9.62 -27.88 -15.00
CA ASP B 181 10.64 -27.76 -16.06
C ASP B 181 10.10 -27.70 -17.48
N SER B 182 9.13 -28.56 -17.79
CA SER B 182 8.49 -28.52 -19.09
C SER B 182 7.90 -27.16 -19.48
N LYS B 183 7.77 -26.25 -18.50
CA LYS B 183 7.22 -24.92 -18.81
C LYS B 183 8.29 -23.86 -19.09
N ASP B 184 9.55 -24.21 -18.94
CA ASP B 184 10.62 -23.20 -19.06
C ASP B 184 10.75 -22.62 -20.46
N LEU B 185 11.04 -21.33 -20.51
CA LEU B 185 11.54 -20.65 -21.71
C LEU B 185 13.05 -20.88 -21.80
N PRO B 186 13.58 -20.97 -23.02
CA PRO B 186 15.04 -21.17 -23.22
C PRO B 186 15.87 -20.01 -22.67
N GLU B 187 17.03 -20.31 -22.11
CA GLU B 187 17.91 -19.31 -21.52
C GLU B 187 18.34 -18.27 -22.54
N GLU B 188 18.57 -18.70 -23.78
CA GLU B 188 18.95 -17.75 -24.82
C GLU B 188 17.88 -16.70 -25.04
N TYR B 189 16.61 -17.10 -24.90
CA TYR B 189 15.51 -16.17 -25.12
C TYR B 189 15.40 -15.21 -23.94
N LEU B 190 15.50 -15.74 -22.73
CA LEU B 190 15.49 -14.92 -21.52
C LEU B 190 16.64 -13.91 -21.49
N SER B 191 17.83 -14.28 -21.97
CA SER B 191 18.96 -13.34 -22.08
C SER B 191 18.65 -12.19 -23.01
N ALA B 192 18.01 -12.52 -24.14
CA ALA B 192 17.57 -11.52 -25.09
C ALA B 192 16.54 -10.55 -24.47
N ILE B 193 15.57 -11.07 -23.72
CA ILE B 193 14.61 -10.20 -23.03
C ILE B 193 15.35 -9.30 -22.05
N TYR B 194 16.21 -9.91 -21.24
CA TYR B 194 17.05 -9.15 -20.33
C TYR B 194 17.73 -8.00 -21.07
N ASN B 195 18.33 -8.28 -22.22
CA ASN B 195 19.05 -7.25 -22.95
C ASN B 195 18.12 -6.13 -23.42
N GLU B 196 16.92 -6.47 -23.89
CA GLU B 196 15.97 -5.44 -24.31
CA GLU B 196 15.92 -5.48 -24.30
C GLU B 196 15.61 -4.51 -23.16
N ILE B 197 15.27 -5.09 -22.01
CA ILE B 197 14.88 -4.29 -20.85
C ILE B 197 16.06 -3.45 -20.33
N ALA B 198 17.23 -4.06 -20.23
CA ALA B 198 18.40 -3.35 -19.73
C ALA B 198 18.77 -2.18 -20.64
N GLY B 199 18.51 -2.31 -21.93
CA GLY B 199 18.85 -1.26 -22.89
C GLY B 199 17.77 -0.20 -23.02
N LYS B 200 16.58 -0.49 -22.48
CA LYS B 200 15.44 0.41 -22.62
C LYS B 200 14.35 0.05 -21.60
N LYS B 201 14.30 0.81 -20.51
CA LYS B 201 13.40 0.50 -19.43
C LYS B 201 11.94 0.55 -19.88
N ILE B 202 11.06 -0.02 -19.07
CA ILE B 202 9.65 0.17 -19.28
C ILE B 202 9.28 1.58 -18.82
N SER B 203 8.78 2.39 -19.75
CA SER B 203 8.32 3.74 -19.41
C SER B 203 6.81 3.77 -19.30
N MET B 204 6.32 4.19 -18.14
CA MET B 204 4.89 4.26 -17.92
C MET B 204 4.40 5.69 -18.17
N LYS B 205 3.11 5.93 -17.96
CA LYS B 205 2.57 7.26 -18.13
C LYS B 205 2.81 8.08 -16.87
CA CA C . 4.43 7.18 11.73
CA CA D . -3.24 2.46 11.21
C ACY E . -3.13 8.95 5.22
O ACY E . -3.93 9.84 4.83
OXT ACY E . -2.78 8.82 6.42
CH3 ACY E . -2.54 8.00 4.22
#